data_5H9B
#
_entry.id   5H9B
#
_cell.length_a   35.823
_cell.length_b   59.127
_cell.length_c   70.339
_cell.angle_alpha   90.000
_cell.angle_beta   99.020
_cell.angle_gamma   90.000
#
_symmetry.space_group_name_H-M   'P 1 21 1'
#
loop_
_entity.id
_entity.type
_entity.pdbx_description
1 polymer 'Calcium/calmodulin-dependent protein kinase II, isoform C'
2 polymer 'Potassium voltage-gated channel protein eag'
3 non-polymer 'AMP PHOSPHORAMIDATE'
4 non-polymer 'MAGNESIUM ION'
5 non-polymer GLYCEROL
6 water water
#
loop_
_entity_poly.entity_id
_entity_poly.type
_entity_poly.pdbx_seq_one_letter_code
_entity_poly.pdbx_strand_id
1 'polypeptide(L)'
;GAMAAPAACTRFSDNYDIKEELGKGAFSIVKRCVQKSTGFEFAAKIINTKKLTARDFQKLEREARICRKLHHPNIVRLHD
SIQEENYHYLVFDLVTGGELFEDIVAREFYSEADASHCIQQILESVNHCHQNGVVHRDLKPENLLLASKAKGAAVKLADF
GLAIEVQGDHQAWFGFAGTPGYLSPEVLKKEPYGKSVDIWACGVILYILLVGYPPFWDEDQHRLYSQIKAGAYDYPSPEW
DTVTPEAKNLINQMLTVNPNKRITAAEALKHPWICQRERVASVVH
;
A
2 'polypeptide(L)' GVLPKAPKLQASQATLARQDTIDEGGEVDSSPPSRDSRVVIEGAAVSSATVGPS B
#
loop_
_chem_comp.id
_chem_comp.type
_chem_comp.name
_chem_comp.formula
AN2 non-polymer 'AMP PHOSPHORAMIDATE' 'C10 H16 N6 O9 P2'
GOL non-polymer GLYCEROL 'C3 H8 O3'
MG non-polymer 'MAGNESIUM ION' 'Mg 2'
#
# COMPACT_ATOMS: atom_id res chain seq x y z
N CYS A 9 21.53 20.13 -10.18
CA CYS A 9 22.71 19.30 -10.05
C CYS A 9 22.72 18.23 -11.13
N THR A 10 23.76 17.39 -11.13
CA THR A 10 23.88 16.30 -12.10
C THR A 10 24.31 15.03 -11.38
N ARG A 11 24.03 14.98 -10.07
CA ARG A 11 24.53 13.92 -9.20
C ARG A 11 24.07 12.53 -9.63
N PHE A 12 22.87 12.43 -10.18
CA PHE A 12 22.32 11.13 -10.56
C PHE A 12 22.95 10.58 -11.83
N SER A 13 22.90 11.34 -12.91
CA SER A 13 23.41 10.90 -14.20
C SER A 13 24.90 10.55 -14.12
N ASP A 14 25.60 11.18 -13.18
CA ASP A 14 27.02 10.96 -13.01
C ASP A 14 27.33 9.67 -12.24
N ASN A 15 26.45 9.32 -11.31
CA ASN A 15 26.68 8.20 -10.39
C ASN A 15 25.87 6.95 -10.69
N TYR A 16 24.90 7.06 -11.60
CA TYR A 16 24.02 5.93 -11.89
C TYR A 16 23.79 5.75 -13.39
N ASP A 17 23.71 4.48 -13.79
CA ASP A 17 23.36 4.12 -15.16
C ASP A 17 21.96 3.51 -15.15
N ILE A 18 21.03 4.17 -15.82
CA ILE A 18 19.64 3.71 -15.85
C ILE A 18 19.51 2.48 -16.74
N LYS A 19 18.62 1.56 -16.36
CA LYS A 19 18.45 0.30 -17.08
C LYS A 19 17.01 0.08 -17.55
N GLU A 20 16.34 -0.92 -16.99
CA GLU A 20 15.09 -1.42 -17.54
C GLU A 20 13.84 -0.91 -16.81
N GLU A 21 12.68 -1.20 -17.39
CA GLU A 21 11.41 -0.81 -16.81
C GLU A 21 11.00 -1.77 -15.69
N LEU A 22 10.48 -1.22 -14.60
CA LEU A 22 10.05 -2.01 -13.45
C LEU A 22 8.56 -1.83 -13.14
N GLY A 23 8.11 -0.57 -13.12
CA GLY A 23 6.72 -0.28 -12.82
C GLY A 23 6.39 1.19 -12.96
N LYS A 24 5.10 1.51 -12.84
CA LYS A 24 4.64 2.89 -12.96
C LYS A 24 3.51 3.18 -11.98
N GLY A 25 3.51 4.39 -11.45
CA GLY A 25 2.41 4.90 -10.65
C GLY A 25 1.63 5.91 -11.47
N ALA A 26 0.90 6.79 -10.80
CA ALA A 26 0.09 7.79 -11.49
C ALA A 26 0.96 8.92 -12.02
N PHE A 27 2.11 9.13 -11.40
CA PHE A 27 3.03 10.19 -11.82
C PHE A 27 4.48 9.73 -11.86
N SER A 28 4.71 8.43 -11.65
CA SER A 28 6.06 7.89 -11.53
C SER A 28 6.42 6.90 -12.63
N ILE A 29 7.65 6.99 -13.11
CA ILE A 29 8.26 5.94 -13.90
C ILE A 29 9.42 5.36 -13.05
N VAL A 30 9.32 4.07 -12.74
CA VAL A 30 10.34 3.41 -11.94
C VAL A 30 11.18 2.51 -12.84
N LYS A 31 12.49 2.64 -12.73
CA LYS A 31 13.42 1.87 -13.56
C LYS A 31 14.59 1.36 -12.74
N ARG A 32 15.09 0.19 -13.10
CA ARG A 32 16.27 -0.37 -12.46
C ARG A 32 17.47 0.51 -12.82
N CYS A 33 18.43 0.61 -11.91
CA CYS A 33 19.63 1.38 -12.17
C CYS A 33 20.81 0.80 -11.41
N VAL A 34 22.02 1.07 -11.91
CA VAL A 34 23.24 0.55 -11.31
C VAL A 34 24.12 1.70 -10.84
N GLN A 35 24.49 1.67 -9.56
CA GLN A 35 25.46 2.61 -9.03
C GLN A 35 26.81 2.31 -9.66
N LYS A 36 27.33 3.27 -10.44
CA LYS A 36 28.52 3.04 -11.25
C LYS A 36 29.76 2.68 -10.45
N SER A 37 29.91 3.24 -9.26
CA SER A 37 31.13 3.07 -8.47
C SER A 37 31.22 1.71 -7.78
N THR A 38 30.09 1.01 -7.67
CA THR A 38 30.01 -0.22 -6.90
C THR A 38 29.44 -1.38 -7.70
N GLY A 39 28.66 -1.06 -8.73
CA GLY A 39 27.97 -2.08 -9.51
C GLY A 39 26.75 -2.61 -8.78
N PHE A 40 26.32 -1.90 -7.74
CA PHE A 40 25.14 -2.29 -6.99
C PHE A 40 23.88 -1.83 -7.71
N GLU A 41 22.84 -2.65 -7.65
CA GLU A 41 21.58 -2.36 -8.31
C GLU A 41 20.59 -1.64 -7.38
N PHE A 42 19.78 -0.77 -7.95
CA PHE A 42 18.77 -0.05 -7.20
C PHE A 42 17.53 0.15 -8.05
N ALA A 43 16.53 0.77 -7.46
CA ALA A 43 15.31 1.16 -8.17
C ALA A 43 15.24 2.68 -8.16
N ALA A 44 15.15 3.27 -9.34
CA ALA A 44 15.09 4.72 -9.48
C ALA A 44 13.67 5.18 -9.81
N LYS A 45 12.96 5.67 -8.80
CA LYS A 45 11.68 6.31 -9.05
C LYS A 45 11.94 7.69 -9.61
N ILE A 46 11.67 7.87 -10.91
CA ILE A 46 11.93 9.12 -11.60
C ILE A 46 10.65 9.95 -11.74
N ILE A 47 10.76 11.26 -11.56
CA ILE A 47 9.60 12.14 -11.62
C ILE A 47 9.95 13.44 -12.33
N ASN A 48 9.18 13.75 -13.38
CA ASN A 48 9.32 15.02 -14.08
C ASN A 48 8.84 16.15 -13.18
N THR A 49 9.73 17.08 -12.88
CA THR A 49 9.42 18.18 -11.97
C THR A 49 8.87 19.40 -12.69
N LYS A 50 9.11 19.49 -13.99
CA LYS A 50 8.61 20.61 -14.79
C LYS A 50 7.09 20.66 -14.77
N LYS A 51 6.48 19.49 -14.56
CA LYS A 51 5.03 19.34 -14.65
C LYS A 51 4.33 19.66 -13.32
N LEU A 52 5.11 19.74 -12.25
CA LEU A 52 4.55 19.73 -10.89
C LEU A 52 4.38 21.11 -10.27
N THR A 53 3.31 21.27 -9.51
CA THR A 53 3.06 22.48 -8.73
C THR A 53 3.92 22.49 -7.48
N ALA A 54 3.84 23.57 -6.72
CA ALA A 54 4.60 23.69 -5.48
C ALA A 54 4.10 22.69 -4.45
N ARG A 55 2.81 22.37 -4.52
CA ARG A 55 2.20 21.39 -3.64
C ARG A 55 2.76 20.00 -3.90
N ASP A 56 2.82 19.62 -5.17
CA ASP A 56 3.32 18.32 -5.56
C ASP A 56 4.79 18.18 -5.15
N PHE A 57 5.54 19.27 -5.26
CA PHE A 57 6.92 19.32 -4.79
C PHE A 57 7.01 19.01 -3.31
N GLN A 58 6.13 19.63 -2.53
CA GLN A 58 6.13 19.41 -1.08
C GLN A 58 5.69 17.98 -0.75
N LYS A 59 4.86 17.38 -1.60
CA LYS A 59 4.45 15.99 -1.40
C LYS A 59 5.66 15.09 -1.67
N LEU A 60 6.45 15.47 -2.66
CA LEU A 60 7.61 14.69 -3.04
C LEU A 60 8.65 14.66 -1.91
N GLU A 61 8.98 15.83 -1.36
CA GLU A 61 9.93 15.90 -0.25
C GLU A 61 9.36 15.22 0.97
N ARG A 62 8.04 15.28 1.12
CA ARG A 62 7.35 14.66 2.25
C ARG A 62 7.54 13.15 2.18
N GLU A 63 7.38 12.59 0.99
CA GLU A 63 7.59 11.16 0.76
C GLU A 63 9.00 10.76 1.16
N ALA A 64 9.98 11.52 0.69
CA ALA A 64 11.38 11.28 1.01
C ALA A 64 11.60 11.30 2.51
N ARG A 65 11.02 12.28 3.19
CA ARG A 65 11.23 12.44 4.62
C ARG A 65 10.65 11.24 5.38
N ILE A 66 9.47 10.79 4.97
CA ILE A 66 8.81 9.69 5.66
C ILE A 66 9.57 8.37 5.44
N CYS A 67 9.96 8.11 4.19
CA CYS A 67 10.72 6.89 3.89
C CYS A 67 11.95 6.78 4.78
N ARG A 68 12.65 7.91 4.96
CA ARG A 68 13.87 7.93 5.76
C ARG A 68 13.59 7.59 7.21
N LYS A 69 12.52 8.14 7.76
CA LYS A 69 12.15 7.88 9.15
C LYS A 69 11.93 6.37 9.38
N LEU A 70 11.49 5.67 8.35
CA LEU A 70 11.12 4.26 8.48
C LEU A 70 12.28 3.33 8.12
N HIS A 71 12.72 2.56 9.11
CA HIS A 71 13.76 1.56 8.91
C HIS A 71 13.23 0.20 9.34
N HIS A 72 13.04 -0.68 8.37
CA HIS A 72 12.40 -1.97 8.62
C HIS A 72 12.67 -2.89 7.43
N PRO A 73 12.86 -4.19 7.68
CA PRO A 73 13.09 -5.12 6.57
C PRO A 73 11.93 -5.19 5.57
N ASN A 74 10.70 -5.07 6.05
CA ASN A 74 9.53 -5.15 5.18
C ASN A 74 9.07 -3.78 4.67
N ILE A 75 9.89 -2.76 4.89
CA ILE A 75 9.66 -1.44 4.28
C ILE A 75 10.82 -1.14 3.35
N VAL A 76 10.52 -0.71 2.14
CA VAL A 76 11.54 -0.30 1.17
C VAL A 76 12.45 0.79 1.77
N ARG A 77 13.75 0.62 1.59
CA ARG A 77 14.73 1.59 2.09
C ARG A 77 15.04 2.63 1.03
N LEU A 78 15.22 3.88 1.45
CA LEU A 78 15.60 4.96 0.56
C LEU A 78 17.11 5.18 0.62
N HIS A 79 17.79 5.05 -0.52
CA HIS A 79 19.24 5.14 -0.56
C HIS A 79 19.69 6.56 -0.86
N ASP A 80 18.92 7.28 -1.67
CA ASP A 80 19.28 8.65 -2.03
C ASP A 80 18.13 9.40 -2.70
N SER A 81 18.15 10.73 -2.56
CA SER A 81 17.13 11.59 -3.15
C SER A 81 17.82 12.74 -3.88
N ILE A 82 17.77 12.72 -5.21
CA ILE A 82 18.53 13.63 -6.04
C ILE A 82 17.63 14.48 -6.92
N GLN A 83 17.95 15.77 -7.02
CA GLN A 83 17.20 16.69 -7.87
C GLN A 83 18.05 17.15 -9.04
N GLU A 84 17.48 17.08 -10.25
CA GLU A 84 18.09 17.66 -11.43
C GLU A 84 17.13 18.71 -11.99
N GLU A 85 17.59 19.48 -12.97
CA GLU A 85 16.84 20.65 -13.43
C GLU A 85 15.43 20.34 -13.91
N ASN A 86 15.21 19.12 -14.41
CA ASN A 86 13.92 18.73 -14.95
C ASN A 86 13.34 17.44 -14.36
N TYR A 87 14.14 16.75 -13.54
CA TYR A 87 13.72 15.48 -12.96
C TYR A 87 14.24 15.30 -11.55
N HIS A 88 13.50 14.51 -10.76
CA HIS A 88 13.89 14.15 -9.41
C HIS A 88 13.96 12.63 -9.30
N TYR A 89 14.97 12.12 -8.61
CA TYR A 89 15.18 10.68 -8.48
C TYR A 89 15.19 10.23 -7.02
N LEU A 90 14.33 9.26 -6.71
CA LEU A 90 14.33 8.62 -5.41
C LEU A 90 14.89 7.21 -5.55
N VAL A 91 16.13 7.02 -5.13
CA VAL A 91 16.80 5.75 -5.30
C VAL A 91 16.52 4.84 -4.11
N PHE A 92 15.77 3.77 -4.38
CA PHE A 92 15.38 2.81 -3.36
C PHE A 92 16.16 1.52 -3.55
N ASP A 93 16.20 0.69 -2.50
CA ASP A 93 16.72 -0.66 -2.63
C ASP A 93 15.85 -1.41 -3.62
N LEU A 94 16.47 -2.07 -4.59
CA LEU A 94 15.72 -2.83 -5.58
C LEU A 94 15.05 -4.03 -4.92
N VAL A 95 13.86 -4.35 -5.41
CA VAL A 95 13.14 -5.53 -4.97
C VAL A 95 12.56 -6.18 -6.23
N THR A 96 13.02 -7.40 -6.50
CA THR A 96 12.89 -7.97 -7.84
C THR A 96 11.85 -9.08 -7.96
N GLY A 97 11.02 -9.24 -6.93
CA GLY A 97 9.99 -10.26 -6.95
C GLY A 97 8.67 -9.78 -7.53
N GLY A 98 8.63 -8.54 -8.01
CA GLY A 98 7.43 -7.99 -8.62
C GLY A 98 6.38 -7.58 -7.60
N GLU A 99 5.30 -6.95 -8.08
CA GLU A 99 4.22 -6.51 -7.22
C GLU A 99 3.42 -7.70 -6.70
N LEU A 100 2.99 -7.63 -5.44
CA LEU A 100 2.08 -8.61 -4.88
C LEU A 100 0.87 -8.79 -5.78
N PHE A 101 0.48 -7.71 -6.47
CA PHE A 101 -0.65 -7.77 -7.39
C PHE A 101 -0.42 -8.82 -8.47
N GLU A 102 0.77 -8.78 -9.09
CA GLU A 102 1.11 -9.69 -10.18
C GLU A 102 1.04 -11.14 -9.74
N ASP A 103 1.44 -11.40 -8.50
CA ASP A 103 1.51 -12.77 -8.00
C ASP A 103 0.12 -13.32 -7.70
N ILE A 104 -0.76 -12.48 -7.19
CA ILE A 104 -2.12 -12.90 -6.88
C ILE A 104 -2.85 -13.29 -8.14
N VAL A 105 -2.74 -12.46 -9.18
CA VAL A 105 -3.45 -12.73 -10.42
C VAL A 105 -2.87 -13.98 -11.10
N ALA A 106 -1.55 -14.17 -11.01
CA ALA A 106 -0.90 -15.33 -11.61
C ALA A 106 -1.37 -16.62 -10.95
N ARG A 107 -1.62 -16.56 -9.64
CA ARG A 107 -1.99 -17.73 -8.87
C ARG A 107 -3.48 -17.77 -8.56
N GLU A 108 -4.21 -16.77 -9.04
CA GLU A 108 -5.64 -16.57 -8.73
C GLU A 108 -5.88 -16.18 -7.27
N PHE A 109 -5.41 -17.02 -6.35
CA PHE A 109 -5.48 -16.71 -4.93
C PHE A 109 -4.43 -17.49 -4.16
N TYR A 110 -4.31 -17.20 -2.87
CA TYR A 110 -3.37 -17.89 -2.00
C TYR A 110 -4.10 -18.89 -1.11
N SER A 111 -3.42 -19.99 -0.76
CA SER A 111 -3.92 -20.87 0.28
C SER A 111 -3.99 -20.05 1.56
N GLU A 112 -4.74 -20.54 2.55
CA GLU A 112 -4.87 -19.82 3.81
C GLU A 112 -3.53 -19.64 4.50
N ALA A 113 -2.62 -20.58 4.28
CA ALA A 113 -1.29 -20.51 4.87
C ALA A 113 -0.45 -19.39 4.23
N ASP A 114 -0.47 -19.35 2.89
CA ASP A 114 0.28 -18.34 2.16
C ASP A 114 -0.32 -16.96 2.41
N ALA A 115 -1.63 -16.91 2.54
CA ALA A 115 -2.35 -15.66 2.79
C ALA A 115 -1.98 -15.13 4.16
N SER A 116 -2.09 -16.00 5.16
CA SER A 116 -1.77 -15.66 6.54
C SER A 116 -0.34 -15.12 6.66
N HIS A 117 0.61 -15.86 6.10
CA HIS A 117 2.00 -15.44 6.12
C HIS A 117 2.20 -14.10 5.43
N CYS A 118 1.53 -13.92 4.30
CA CYS A 118 1.68 -12.70 3.51
C CYS A 118 1.08 -11.51 4.24
N ILE A 119 -0.13 -11.67 4.77
CA ILE A 119 -0.80 -10.57 5.44
C ILE A 119 -0.11 -10.24 6.75
N GLN A 120 0.51 -11.23 7.37
CA GLN A 120 1.27 -11.00 8.59
C GLN A 120 2.38 -10.00 8.30
N GLN A 121 3.11 -10.23 7.21
CA GLN A 121 4.19 -9.34 6.82
C GLN A 121 3.68 -7.94 6.53
N ILE A 122 2.54 -7.87 5.85
CA ILE A 122 1.93 -6.58 5.54
C ILE A 122 1.58 -5.86 6.84
N LEU A 123 0.96 -6.58 7.77
CA LEU A 123 0.55 -5.99 9.04
C LEU A 123 1.74 -5.52 9.86
N GLU A 124 2.82 -6.29 9.85
CA GLU A 124 4.03 -5.92 10.59
C GLU A 124 4.62 -4.62 10.03
N SER A 125 4.51 -4.44 8.72
CA SER A 125 5.02 -3.24 8.09
C SER A 125 4.15 -2.02 8.42
N VAL A 126 2.84 -2.16 8.32
CA VAL A 126 1.95 -1.03 8.61
C VAL A 126 1.93 -0.72 10.11
N ASN A 127 2.09 -1.75 10.94
CA ASN A 127 2.18 -1.54 12.38
C ASN A 127 3.39 -0.69 12.68
N HIS A 128 4.48 -0.95 11.97
CA HIS A 128 5.71 -0.19 12.11
C HIS A 128 5.44 1.28 11.78
N CYS A 129 4.72 1.52 10.69
CA CYS A 129 4.35 2.87 10.30
C CYS A 129 3.58 3.57 11.41
N HIS A 130 2.57 2.87 11.93
CA HIS A 130 1.68 3.43 12.95
C HIS A 130 2.41 3.72 14.25
N GLN A 131 3.28 2.81 14.66
CA GLN A 131 4.05 3.01 15.88
C GLN A 131 5.09 4.12 15.71
N ASN A 132 5.42 4.42 14.46
CA ASN A 132 6.34 5.52 14.15
C ASN A 132 5.59 6.78 13.74
N GLY A 133 4.28 6.79 13.97
CA GLY A 133 3.47 7.97 13.72
C GLY A 133 3.18 8.24 12.25
N VAL A 134 3.09 7.19 11.44
CA VAL A 134 2.81 7.34 10.02
C VAL A 134 1.54 6.58 9.62
N VAL A 135 0.73 7.20 8.78
CA VAL A 135 -0.37 6.52 8.12
C VAL A 135 -0.10 6.56 6.63
N HIS A 136 -0.20 5.40 5.98
CA HIS A 136 0.21 5.24 4.60
C HIS A 136 -0.85 5.78 3.63
N ARG A 137 -2.11 5.50 3.93
CA ARG A 137 -3.25 5.99 3.14
C ARG A 137 -3.39 5.37 1.75
N ASP A 138 -2.55 4.38 1.42
CA ASP A 138 -2.58 3.79 0.08
C ASP A 138 -2.10 2.34 0.03
N LEU A 139 -2.53 1.55 1.02
CA LEU A 139 -2.28 0.12 1.00
C LEU A 139 -3.05 -0.53 -0.15
N LYS A 140 -2.33 -1.24 -1.01
CA LYS A 140 -2.95 -2.05 -2.05
C LYS A 140 -1.88 -2.95 -2.69
N PRO A 141 -2.30 -4.04 -3.34
CA PRO A 141 -1.35 -5.04 -3.84
C PRO A 141 -0.31 -4.49 -4.81
N GLU A 142 -0.64 -3.40 -5.52
CA GLU A 142 0.30 -2.83 -6.49
C GLU A 142 1.34 -1.95 -5.81
N ASN A 143 1.17 -1.74 -4.51
CA ASN A 143 2.12 -0.96 -3.71
C ASN A 143 2.81 -1.87 -2.70
N LEU A 144 2.62 -3.17 -2.85
CA LEU A 144 3.31 -4.16 -2.04
C LEU A 144 4.16 -5.01 -2.98
N LEU A 145 5.47 -5.04 -2.74
CA LEU A 145 6.42 -5.73 -3.61
C LEU A 145 7.00 -6.97 -2.93
N LEU A 146 7.32 -7.97 -3.74
CA LEU A 146 7.84 -9.23 -3.22
C LEU A 146 9.36 -9.29 -3.35
N ALA A 147 10.01 -9.76 -2.30
CA ALA A 147 11.46 -9.76 -2.25
C ALA A 147 12.05 -10.83 -3.16
N SER A 148 11.79 -12.08 -2.83
CA SER A 148 12.48 -13.20 -3.46
C SER A 148 12.14 -13.34 -4.94
N LYS A 149 10.88 -13.12 -5.28
CA LYS A 149 10.30 -13.57 -6.55
C LYS A 149 9.95 -15.05 -6.39
N ALA A 150 8.66 -15.29 -6.12
CA ALA A 150 8.08 -16.65 -6.02
C ALA A 150 8.32 -17.38 -4.70
N LYS A 151 7.23 -17.51 -3.92
CA LYS A 151 7.11 -18.51 -2.86
C LYS A 151 7.87 -18.22 -1.58
N GLY A 152 7.11 -17.89 -0.54
CA GLY A 152 7.67 -17.54 0.75
C GLY A 152 8.32 -16.16 0.73
N ALA A 153 8.31 -15.54 -0.44
CA ALA A 153 9.02 -14.28 -0.66
C ALA A 153 8.56 -13.21 0.32
N ALA A 154 9.53 -12.48 0.85
CA ALA A 154 9.24 -11.40 1.80
C ALA A 154 8.49 -10.29 1.08
N VAL A 155 7.47 -9.75 1.75
CA VAL A 155 6.69 -8.64 1.21
C VAL A 155 7.25 -7.33 1.73
N LYS A 156 7.36 -6.34 0.83
CA LYS A 156 7.92 -5.04 1.20
C LYS A 156 6.94 -3.90 0.90
N LEU A 157 6.57 -3.15 1.94
CA LEU A 157 5.65 -2.03 1.80
C LEU A 157 6.32 -0.87 1.09
N ALA A 158 5.74 -0.44 -0.02
CA ALA A 158 6.31 0.65 -0.80
C ALA A 158 5.31 1.82 -0.96
N ASP A 159 5.74 2.83 -1.71
CA ASP A 159 4.87 3.93 -2.14
C ASP A 159 4.34 4.76 -0.97
N PHE A 160 5.14 5.72 -0.51
CA PHE A 160 4.72 6.60 0.57
C PHE A 160 4.32 7.98 0.04
N GLY A 161 3.90 8.03 -1.22
CA GLY A 161 3.55 9.27 -1.88
C GLY A 161 2.39 10.02 -1.25
N LEU A 162 1.59 9.30 -0.46
CA LEU A 162 0.43 9.88 0.20
C LEU A 162 0.53 9.74 1.71
N ALA A 163 1.61 9.15 2.20
CA ALA A 163 1.76 8.96 3.63
C ALA A 163 1.89 10.31 4.34
N ILE A 164 1.40 10.38 5.58
CA ILE A 164 1.47 11.59 6.38
C ILE A 164 1.71 11.23 7.84
N GLU A 165 2.02 12.25 8.65
CA GLU A 165 2.31 12.04 10.06
C GLU A 165 1.05 12.21 10.91
N VAL A 166 0.79 11.22 11.74
CA VAL A 166 -0.25 11.31 12.77
C VAL A 166 0.37 10.76 14.05
N GLN A 167 -0.10 11.24 15.19
CA GLN A 167 0.42 10.78 16.48
C GLN A 167 -0.70 10.28 17.37
N GLY A 168 -0.66 8.98 17.67
CA GLY A 168 -1.63 8.38 18.56
C GLY A 168 -2.85 7.89 17.82
N ASP A 169 -4.02 8.16 18.39
CA ASP A 169 -5.29 7.68 17.85
C ASP A 169 -6.11 8.83 17.27
N HIS A 170 -5.69 10.06 17.55
CA HIS A 170 -6.45 11.23 17.14
C HIS A 170 -6.63 11.25 15.62
N GLN A 171 -7.83 11.65 15.19
CA GLN A 171 -8.19 11.63 13.78
C GLN A 171 -8.54 13.03 13.31
N ALA A 172 -8.12 13.37 12.10
CA ALA A 172 -8.38 14.67 11.51
C ALA A 172 -8.65 14.51 10.03
N TRP A 173 -9.14 15.57 9.39
CA TRP A 173 -9.42 15.51 7.96
C TRP A 173 -8.16 15.80 7.15
N PHE A 174 -7.45 14.73 6.78
CA PHE A 174 -6.19 14.87 6.05
C PHE A 174 -6.39 14.90 4.53
N GLY A 175 -7.62 15.11 4.09
CA GLY A 175 -7.92 15.24 2.68
C GLY A 175 -8.45 13.96 2.07
N PHE A 176 -8.86 14.05 0.81
CA PHE A 176 -9.46 12.93 0.11
C PHE A 176 -8.45 12.27 -0.82
N ALA A 177 -7.76 11.25 -0.33
CA ALA A 177 -6.72 10.59 -1.09
C ALA A 177 -6.70 9.10 -0.79
N GLY A 178 -6.21 8.32 -1.75
CA GLY A 178 -6.16 6.87 -1.63
C GLY A 178 -6.53 6.23 -2.96
N THR A 179 -6.99 4.99 -2.90
CA THR A 179 -7.39 4.25 -4.10
C THR A 179 -8.81 3.73 -3.91
N PRO A 180 -9.70 4.02 -4.88
CA PRO A 180 -11.15 3.76 -4.78
C PRO A 180 -11.55 2.47 -4.04
N GLY A 181 -11.17 1.31 -4.57
CA GLY A 181 -11.59 0.05 -4.00
C GLY A 181 -11.06 -0.20 -2.61
N TYR A 182 -10.01 0.53 -2.22
CA TYR A 182 -9.36 0.33 -0.94
C TYR A 182 -9.69 1.41 0.09
N LEU A 183 -10.36 2.47 -0.36
CA LEU A 183 -10.74 3.58 0.52
C LEU A 183 -11.62 3.11 1.67
N SER A 184 -11.40 3.70 2.83
CA SER A 184 -12.19 3.36 4.00
C SER A 184 -13.50 4.15 4.01
N PRO A 185 -14.48 3.71 4.81
CA PRO A 185 -15.73 4.46 4.95
C PRO A 185 -15.52 5.90 5.44
N GLU A 186 -14.75 6.07 6.50
CA GLU A 186 -14.59 7.39 7.10
C GLU A 186 -13.97 8.42 6.15
N VAL A 187 -13.11 7.97 5.24
CA VAL A 187 -12.56 8.88 4.24
C VAL A 187 -13.67 9.28 3.27
N LEU A 188 -14.38 8.27 2.75
CA LEU A 188 -15.48 8.48 1.82
C LEU A 188 -16.63 9.30 2.44
N LYS A 189 -16.76 9.26 3.76
CA LYS A 189 -17.75 10.07 4.46
C LYS A 189 -17.21 11.47 4.74
N LYS A 190 -15.96 11.70 4.36
CA LYS A 190 -15.27 12.96 4.63
C LYS A 190 -15.25 13.28 6.12
N GLU A 191 -15.17 12.23 6.93
CA GLU A 191 -15.03 12.38 8.36
C GLU A 191 -13.56 12.44 8.73
N PRO A 192 -13.24 12.92 9.94
CA PRO A 192 -11.84 12.87 10.39
C PRO A 192 -11.36 11.43 10.48
N TYR A 193 -10.15 11.16 9.98
CA TYR A 193 -9.60 9.81 9.99
C TYR A 193 -8.15 9.78 10.44
N GLY A 194 -7.60 8.58 10.57
CA GLY A 194 -6.24 8.39 11.05
C GLY A 194 -5.67 7.05 10.61
N LYS A 195 -4.95 6.38 11.52
CA LYS A 195 -4.24 5.16 11.19
C LYS A 195 -5.15 4.01 10.78
N SER A 196 -6.37 3.99 11.31
CA SER A 196 -7.28 2.87 11.11
C SER A 196 -7.66 2.66 9.64
N VAL A 197 -7.49 3.69 8.82
CA VAL A 197 -7.78 3.55 7.39
C VAL A 197 -6.90 2.47 6.74
N ASP A 198 -5.68 2.34 7.24
CA ASP A 198 -4.74 1.36 6.69
C ASP A 198 -5.22 -0.07 6.97
N ILE A 199 -5.88 -0.27 8.10
CA ILE A 199 -6.37 -1.59 8.46
C ILE A 199 -7.54 -2.00 7.58
N TRP A 200 -8.41 -1.03 7.27
CA TRP A 200 -9.49 -1.29 6.34
C TRP A 200 -8.91 -1.81 5.04
N ALA A 201 -7.95 -1.08 4.49
CA ALA A 201 -7.29 -1.46 3.24
C ALA A 201 -6.67 -2.85 3.35
N CYS A 202 -6.16 -3.19 4.53
CA CYS A 202 -5.58 -4.51 4.77
C CYS A 202 -6.65 -5.59 4.72
N GLY A 203 -7.80 -5.30 5.33
CA GLY A 203 -8.93 -6.21 5.30
C GLY A 203 -9.33 -6.48 3.88
N VAL A 204 -9.35 -5.42 3.07
CA VAL A 204 -9.65 -5.55 1.65
C VAL A 204 -8.60 -6.44 0.98
N ILE A 205 -7.34 -6.23 1.33
CA ILE A 205 -6.24 -7.01 0.74
C ILE A 205 -6.35 -8.49 1.12
N LEU A 206 -6.54 -8.76 2.41
CA LEU A 206 -6.69 -10.12 2.90
C LEU A 206 -7.82 -10.86 2.19
N TYR A 207 -8.94 -10.16 2.00
CA TYR A 207 -10.07 -10.73 1.28
C TYR A 207 -9.65 -11.09 -0.13
N ILE A 208 -8.88 -10.20 -0.76
CA ILE A 208 -8.39 -10.45 -2.11
C ILE A 208 -7.46 -11.66 -2.13
N LEU A 209 -6.62 -11.79 -1.12
CA LEU A 209 -5.65 -12.90 -1.06
C LEU A 209 -6.33 -14.26 -1.00
N LEU A 210 -7.51 -14.31 -0.38
CA LEU A 210 -8.15 -15.59 -0.10
C LEU A 210 -9.00 -16.13 -1.24
N VAL A 211 -9.53 -15.26 -2.10
CA VAL A 211 -10.36 -15.70 -3.22
C VAL A 211 -10.03 -14.98 -4.53
N GLY A 212 -9.19 -13.95 -4.47
CA GLY A 212 -8.64 -13.37 -5.68
C GLY A 212 -9.50 -12.32 -6.36
N TYR A 213 -10.49 -11.81 -5.64
CA TYR A 213 -11.27 -10.67 -6.11
C TYR A 213 -11.65 -9.78 -4.93
N PRO A 214 -11.93 -8.50 -5.19
CA PRO A 214 -12.16 -7.59 -4.07
C PRO A 214 -13.56 -7.73 -3.51
N PRO A 215 -13.75 -7.42 -2.22
CA PRO A 215 -15.07 -7.54 -1.59
C PRO A 215 -16.01 -6.41 -2.00
N PHE A 216 -15.46 -5.24 -2.31
CA PHE A 216 -16.26 -4.10 -2.77
C PHE A 216 -15.96 -3.82 -4.24
N TRP A 217 -17.00 -3.94 -5.07
CA TRP A 217 -16.81 -3.81 -6.50
C TRP A 217 -18.13 -3.45 -7.18
N ASP A 218 -18.05 -2.53 -8.12
CA ASP A 218 -19.20 -2.15 -8.93
C ASP A 218 -18.73 -1.41 -10.17
N GLU A 219 -19.51 -1.51 -11.24
CA GLU A 219 -19.23 -0.80 -12.47
C GLU A 219 -19.35 0.71 -12.24
N ASP A 220 -20.40 1.10 -11.53
CA ASP A 220 -20.64 2.50 -11.16
C ASP A 220 -19.84 2.87 -9.92
N GLN A 221 -18.96 3.86 -10.03
CA GLN A 221 -18.10 4.22 -8.92
C GLN A 221 -18.89 4.76 -7.73
N HIS A 222 -19.93 5.55 -8.02
CA HIS A 222 -20.78 6.10 -6.97
C HIS A 222 -21.35 4.97 -6.11
N ARG A 223 -21.83 3.91 -6.78
CA ARG A 223 -22.37 2.74 -6.08
C ARG A 223 -21.31 2.00 -5.29
N LEU A 224 -20.11 1.85 -5.86
CA LEU A 224 -18.98 1.25 -5.17
C LEU A 224 -18.77 1.91 -3.81
N TYR A 225 -18.66 3.24 -3.82
CA TYR A 225 -18.48 3.99 -2.58
C TYR A 225 -19.63 3.76 -1.61
N SER A 226 -20.87 3.73 -2.12
CA SER A 226 -22.02 3.41 -1.29
C SER A 226 -21.79 2.09 -0.58
N GLN A 227 -21.36 1.09 -1.33
CA GLN A 227 -21.11 -0.24 -0.82
C GLN A 227 -20.06 -0.20 0.29
N ILE A 228 -18.95 0.47 0.01
CA ILE A 228 -17.86 0.60 0.99
C ILE A 228 -18.33 1.27 2.27
N LYS A 229 -19.08 2.37 2.13
CA LYS A 229 -19.58 3.10 3.29
C LYS A 229 -20.52 2.25 4.14
N ALA A 230 -21.34 1.43 3.49
CA ALA A 230 -22.29 0.59 4.20
C ALA A 230 -21.68 -0.72 4.64
N GLY A 231 -20.38 -0.90 4.38
CA GLY A 231 -19.70 -2.14 4.70
C GLY A 231 -20.42 -3.34 4.12
N ALA A 232 -20.87 -3.20 2.87
CA ALA A 232 -21.71 -4.20 2.23
C ALA A 232 -20.89 -5.20 1.43
N TYR A 233 -20.40 -6.23 2.12
CA TYR A 233 -19.68 -7.31 1.46
C TYR A 233 -20.18 -8.64 2.00
N ASP A 234 -19.82 -9.73 1.32
CA ASP A 234 -20.21 -11.06 1.79
C ASP A 234 -19.18 -12.10 1.35
N TYR A 235 -19.47 -13.35 1.66
CA TYR A 235 -18.61 -14.48 1.34
C TYR A 235 -19.37 -15.47 0.48
N PRO A 236 -19.47 -15.18 -0.84
CA PRO A 236 -20.23 -16.03 -1.75
C PRO A 236 -19.70 -17.46 -1.82
N SER A 237 -20.59 -18.44 -1.70
CA SER A 237 -20.27 -19.81 -2.03
C SER A 237 -20.03 -19.86 -3.54
N PRO A 238 -19.26 -20.86 -4.02
CA PRO A 238 -18.55 -21.88 -3.24
C PRO A 238 -17.16 -21.43 -2.80
N GLU A 239 -16.70 -20.29 -3.31
CA GLU A 239 -15.36 -19.76 -3.03
C GLU A 239 -14.98 -19.79 -1.55
N TRP A 240 -15.91 -19.38 -0.69
CA TRP A 240 -15.62 -19.23 0.73
C TRP A 240 -16.09 -20.42 1.58
N ASP A 241 -16.58 -21.47 0.93
CA ASP A 241 -17.05 -22.65 1.64
C ASP A 241 -15.91 -23.33 2.38
N THR A 242 -14.79 -23.52 1.70
CA THR A 242 -13.65 -24.23 2.27
C THR A 242 -12.81 -23.32 3.18
N VAL A 243 -13.05 -22.02 3.10
CA VAL A 243 -12.30 -21.06 3.91
C VAL A 243 -12.78 -21.08 5.36
N THR A 244 -11.83 -21.08 6.29
CA THR A 244 -12.13 -21.24 7.71
C THR A 244 -12.90 -20.05 8.28
N PRO A 245 -13.79 -20.31 9.26
CA PRO A 245 -14.52 -19.21 9.93
C PRO A 245 -13.60 -18.20 10.59
N GLU A 246 -12.49 -18.65 11.16
CA GLU A 246 -11.57 -17.75 11.85
C GLU A 246 -10.89 -16.80 10.87
N ALA A 247 -10.60 -17.28 9.67
CA ALA A 247 -10.04 -16.43 8.62
C ALA A 247 -11.03 -15.30 8.32
N LYS A 248 -12.30 -15.67 8.20
CA LYS A 248 -13.36 -14.71 7.93
C LYS A 248 -13.52 -13.74 9.10
N ASN A 249 -13.35 -14.25 10.32
CA ASN A 249 -13.47 -13.43 11.52
C ASN A 249 -12.43 -12.30 11.53
N LEU A 250 -11.22 -12.60 11.07
CA LEU A 250 -10.16 -11.60 11.01
C LEU A 250 -10.55 -10.49 10.04
N ILE A 251 -11.08 -10.87 8.89
CA ILE A 251 -11.51 -9.91 7.88
C ILE A 251 -12.62 -9.00 8.41
N ASN A 252 -13.58 -9.60 9.12
CA ASN A 252 -14.71 -8.85 9.66
C ASN A 252 -14.27 -7.76 10.62
N GLN A 253 -13.24 -8.05 11.39
CA GLN A 253 -12.73 -7.08 12.36
C GLN A 253 -12.00 -5.95 11.64
N MET A 254 -11.35 -6.29 10.54
CA MET A 254 -10.63 -5.29 9.75
C MET A 254 -11.60 -4.43 8.96
N LEU A 255 -12.62 -5.04 8.39
CA LEU A 255 -13.64 -4.30 7.63
C LEU A 255 -14.79 -3.89 8.54
N THR A 256 -14.44 -3.39 9.73
CA THR A 256 -15.41 -2.81 10.64
C THR A 256 -15.58 -1.35 10.26
N VAL A 257 -16.80 -0.96 9.91
CA VAL A 257 -17.05 0.37 9.36
C VAL A 257 -16.63 1.48 10.31
N ASN A 258 -16.86 1.30 11.60
CA ASN A 258 -16.45 2.30 12.58
C ASN A 258 -14.99 2.10 12.98
N PRO A 259 -14.13 3.12 12.75
CA PRO A 259 -12.69 2.98 12.97
C PRO A 259 -12.31 2.80 14.44
N ASN A 260 -13.10 3.36 15.34
CA ASN A 260 -12.84 3.23 16.77
C ASN A 260 -13.13 1.81 17.24
N LYS A 261 -13.95 1.10 16.46
CA LYS A 261 -14.28 -0.30 16.75
C LYS A 261 -13.42 -1.20 15.88
N ARG A 262 -12.73 -0.61 14.91
CA ARG A 262 -11.90 -1.36 14.00
C ARG A 262 -10.67 -1.93 14.70
N ILE A 263 -10.34 -3.16 14.34
CA ILE A 263 -9.14 -3.84 14.84
C ILE A 263 -7.92 -3.02 14.46
N THR A 264 -6.93 -2.97 15.34
CA THR A 264 -5.68 -2.28 15.04
C THR A 264 -4.68 -3.26 14.45
N ALA A 265 -3.62 -2.74 13.86
CA ALA A 265 -2.57 -3.57 13.30
C ALA A 265 -2.00 -4.49 14.38
N ALA A 266 -1.75 -3.91 15.55
CA ALA A 266 -1.16 -4.63 16.67
C ALA A 266 -2.00 -5.83 17.07
N GLU A 267 -3.29 -5.60 17.27
CA GLU A 267 -4.18 -6.66 17.76
C GLU A 267 -4.74 -7.50 16.62
N ALA A 268 -4.22 -7.28 15.42
CA ALA A 268 -4.52 -8.13 14.28
C ALA A 268 -3.40 -9.17 14.14
N LEU A 269 -2.20 -8.76 14.51
CA LEU A 269 -1.05 -9.66 14.51
C LEU A 269 -1.17 -10.72 15.61
N LYS A 270 -2.13 -10.54 16.51
CA LYS A 270 -2.39 -11.52 17.56
C LYS A 270 -3.35 -12.60 17.06
N HIS A 271 -4.19 -12.23 16.10
CA HIS A 271 -5.33 -13.05 15.70
C HIS A 271 -4.95 -14.51 15.48
N PRO A 272 -5.79 -15.45 15.94
CA PRO A 272 -5.46 -16.88 15.81
C PRO A 272 -5.05 -17.28 14.39
N TRP A 273 -5.89 -16.99 13.41
CA TRP A 273 -5.63 -17.36 12.02
C TRP A 273 -4.23 -16.94 11.58
N ILE A 274 -3.71 -15.87 12.18
CA ILE A 274 -2.35 -15.40 11.89
C ILE A 274 -1.33 -16.07 12.80
N CYS A 275 -1.75 -16.33 14.04
CA CYS A 275 -0.82 -16.69 15.11
C CYS A 275 -1.00 -18.13 15.60
N GLN A 276 -2.04 -18.80 15.13
CA GLN A 276 -2.34 -20.16 15.56
C GLN A 276 -1.56 -21.14 14.71
N ARG A 277 -0.24 -20.95 14.65
CA ARG A 277 0.62 -21.74 13.79
C ARG A 277 2.01 -21.91 14.39
N GLN B 13 -19.07 -9.89 -12.92
CA GLN B 13 -18.77 -10.06 -11.51
C GLN B 13 -17.49 -9.31 -11.14
N ALA B 14 -17.16 -9.30 -9.84
CA ALA B 14 -15.95 -8.66 -9.34
C ALA B 14 -14.69 -9.27 -9.93
N THR B 15 -13.77 -8.41 -10.37
CA THR B 15 -12.50 -8.86 -10.92
C THR B 15 -11.38 -8.02 -10.33
N LEU B 16 -10.38 -8.69 -9.75
CA LEU B 16 -9.20 -8.01 -9.24
C LEU B 16 -8.49 -7.30 -10.38
N ALA B 17 -8.42 -5.97 -10.28
CA ALA B 17 -7.83 -5.14 -11.32
C ALA B 17 -7.03 -4.00 -10.72
N ARG B 18 -6.01 -3.54 -11.45
CA ARG B 18 -5.20 -2.41 -11.03
C ARG B 18 -6.03 -1.15 -10.96
N GLN B 19 -5.99 -0.47 -9.82
CA GLN B 19 -6.70 0.79 -9.64
C GLN B 19 -5.70 1.91 -9.39
N ASP B 20 -5.87 3.02 -10.10
CA ASP B 20 -4.95 4.14 -10.00
C ASP B 20 -5.18 4.94 -8.72
N THR B 21 -4.13 5.56 -8.21
CA THR B 21 -4.20 6.35 -7.00
C THR B 21 -4.76 7.74 -7.30
N ILE B 22 -5.51 8.29 -6.35
CA ILE B 22 -6.05 9.63 -6.48
C ILE B 22 -5.75 10.47 -5.25
N ASP B 23 -5.62 11.78 -5.46
CA ASP B 23 -5.43 12.73 -4.38
C ASP B 23 -6.10 14.04 -4.78
N GLU B 24 -7.35 14.20 -4.39
CA GLU B 24 -8.12 15.40 -4.70
C GLU B 24 -7.93 16.46 -3.61
N GLY B 25 -7.06 16.16 -2.65
CA GLY B 25 -6.69 17.11 -1.63
C GLY B 25 -7.83 17.47 -0.69
N GLY B 26 -7.91 18.75 -0.34
CA GLY B 26 -8.98 19.25 0.51
C GLY B 26 -8.71 19.06 1.98
N GLU B 27 -7.45 18.93 2.36
CA GLU B 27 -7.07 18.78 3.75
C GLU B 27 -7.33 20.06 4.53
N VAL B 28 -8.02 19.94 5.65
CA VAL B 28 -8.38 21.09 6.49
C VAL B 28 -7.65 20.99 7.84
N ASP B 29 -7.06 22.11 8.27
CA ASP B 29 -6.31 22.17 9.52
C ASP B 29 -7.16 22.79 10.63
N3B AN2 C . 3.76 6.78 -5.68
PB AN2 C . 3.78 5.95 -7.14
O2B AN2 C . 3.68 6.91 -8.30
O1B AN2 C . 2.62 4.97 -7.17
O3A AN2 C . 5.18 5.14 -7.29
PA AN2 C . 5.44 3.70 -6.62
O1A AN2 C . 4.13 3.12 -6.11
O2A AN2 C . 6.39 3.86 -5.43
O5' AN2 C . 6.06 2.73 -7.73
C5' AN2 C . 5.32 2.46 -8.86
C4' AN2 C . 5.63 1.09 -9.36
O4' AN2 C . 7.08 0.93 -9.64
C3' AN2 C . 5.29 0.09 -8.34
O3' AN2 C . 3.93 -0.35 -8.48
C2' AN2 C . 6.23 -1.02 -8.56
O2' AN2 C . 5.70 -1.95 -9.53
C1' AN2 C . 7.46 -0.42 -9.09
N9 AN2 C . 8.38 -0.29 -8.05
C8 AN2 C . 8.36 0.65 -7.06
N7 AN2 C . 9.37 0.47 -6.25
C5 AN2 C . 10.08 -0.57 -6.64
C4 AN2 C . 9.45 -1.09 -7.82
N3 AN2 C . 9.99 -2.18 -8.44
C2 AN2 C . 11.11 -2.76 -7.95
N1 AN2 C . 11.71 -2.27 -6.84
C6 AN2 C . 11.21 -1.18 -6.18
N6 AN2 C . 11.87 -0.70 -5.01
MG MG D . 2.04 3.17 -6.29
C1 GOL E . 14.88 -16.15 -4.68
O1 GOL E . 13.88 -17.04 -4.26
C2 GOL E . 16.10 -16.22 -3.76
O2 GOL E . 17.26 -15.80 -4.46
C3 GOL E . 15.90 -15.34 -2.52
O3 GOL E . 15.65 -14.00 -2.86
#